data_2DOJ
#
_entry.id   2DOJ
#
_cell.length_a   63.317
_cell.length_b   50.465
_cell.length_c   65.919
_cell.angle_alpha   90.00
_cell.angle_beta   107.66
_cell.angle_gamma   90.00
#
_symmetry.space_group_name_H-M   'P 1 21 1'
#
loop_
_entity.id
_entity.type
_entity.pdbx_description
1 polymer Lactotransferrin
2 branched 2-acetamido-2-deoxy-beta-D-glucopyranose-(1-4)-2-acetamido-2-deoxy-beta-D-glucopyranose
3 branched beta-D-mannopyranose-(1-6)-alpha-D-mannopyranose-(1-4)-2-acetamido-2-deoxy-alpha-D-glucopyranose-(1-4)-2-acetamido-2-deoxy-beta-D-glucopyranose
4 branched beta-D-mannopyranose-(1-4)-beta-D-mannopyranose-(1-4)-alpha-D-mannopyranose-(1-4)-2-acetamido-2-deoxy-beta-D-glucopyranose-(1-4)-2-acetamido-2-deoxy-beta-D-glucopyranose
5 non-polymer 'SULFATE ION'
6 non-polymer 'ZINC ION'
7 non-polymer 'FE (III) ION'
8 non-polymer 'CARBONATE ION'
9 non-polymer ADENOSINE
10 water water
#
_entity_poly.entity_id   1
_entity_poly.type   'polypeptide(L)'
_entity_poly.pdbx_seq_one_letter_code
;YTRVVWCAVGPEEQKKCQQWSQQSGQNVTCATASTTDDCIVLVLKGEADALNLDGGYIYTAGKCGLVPVLAENRKSSKHS
SLDCVLRPTEGYLAVAVVKKANEGLTWNSLKDKKSCHTAVDRTAGWNIPMGLIVNQTGSCAFDEFFSQSCAPGADPKSRL
CALCAGDDQGLDKCVPNSKEKYYGYTGAFRCLAEDVGDVAFVKNDTVWENTNGESTADWAKNLKREDFRLLCLDGTRKPV
TEAQSCHLAVAPNHAVVSRSDRAAHVEQVLLHQQALFGKNGKNCPDKFCLFKSETKNLLFNDNTECLAKLGGRPTYEEYL
GTEYVTAIANLKKCSTSPLLEACAF
;
_entity_poly.pdbx_strand_id   A
#
loop_
_chem_comp.id
_chem_comp.type
_chem_comp.name
_chem_comp.formula
ADN non-polymer ADENOSINE 'C10 H13 N5 O4'
BMA D-saccharide, beta linking beta-D-mannopyranose 'C6 H12 O6'
CO3 non-polymer 'CARBONATE ION' 'C O3 -2'
FE non-polymer 'FE (III) ION' 'Fe 3'
MAN D-saccharide, alpha linking alpha-D-mannopyranose 'C6 H12 O6'
NAG D-saccharide, beta linking 2-acetamido-2-deoxy-beta-D-glucopyranose 'C8 H15 N O6'
NDG D-saccharide, alpha linking 2-acetamido-2-deoxy-alpha-D-glucopyranose 'C8 H15 N O6'
SO4 non-polymer 'SULFATE ION' 'O4 S -2'
ZN non-polymer 'ZINC ION' 'Zn 2'
#
# COMPACT_ATOMS: atom_id res chain seq x y z
N TYR A 1 16.95 -18.88 -20.34
CA TYR A 1 16.23 -17.94 -21.25
C TYR A 1 15.69 -16.68 -20.53
N THR A 2 14.41 -16.72 -20.20
CA THR A 2 13.70 -15.57 -19.63
C THR A 2 13.51 -15.71 -18.11
N ARG A 3 14.46 -15.20 -17.32
CA ARG A 3 14.38 -15.31 -15.86
C ARG A 3 14.33 -13.94 -15.16
N VAL A 4 13.35 -13.77 -14.28
CA VAL A 4 13.10 -12.50 -13.61
C VAL A 4 13.46 -12.52 -12.10
N VAL A 5 14.18 -11.50 -11.64
CA VAL A 5 14.52 -11.41 -10.21
C VAL A 5 13.58 -10.45 -9.45
N TRP A 6 12.77 -11.00 -8.54
CA TRP A 6 11.82 -10.18 -7.78
C TRP A 6 12.45 -9.59 -6.54
N CYS A 7 12.09 -8.37 -6.16
CA CYS A 7 12.62 -7.81 -4.92
C CYS A 7 11.60 -7.84 -3.77
N ALA A 8 11.92 -8.56 -2.69
CA ALA A 8 11.04 -8.69 -1.51
C ALA A 8 11.49 -7.74 -0.42
N VAL A 9 10.53 -7.11 0.24
CA VAL A 9 10.78 -6.21 1.34
C VAL A 9 10.53 -6.91 2.65
N GLY A 10 11.61 -7.35 3.31
CA GLY A 10 11.55 -8.00 4.61
C GLY A 10 11.50 -9.51 4.54
N PRO A 11 11.62 -10.15 5.71
CA PRO A 11 11.66 -11.62 5.81
C PRO A 11 10.34 -12.31 5.42
N GLU A 12 9.20 -11.73 5.73
CA GLU A 12 7.97 -12.40 5.34
C GLU A 12 7.78 -12.40 3.85
N GLU A 13 8.03 -11.27 3.19
CA GLU A 13 7.94 -11.29 1.73
C GLU A 13 9.00 -12.23 1.18
N GLN A 14 10.15 -12.25 1.84
CA GLN A 14 11.21 -13.13 1.36
C GLN A 14 10.74 -14.56 1.31
N LYS A 15 10.11 -15.00 2.38
CA LYS A 15 9.59 -16.35 2.48
C LYS A 15 8.54 -16.63 1.41
N LYS A 16 7.61 -15.70 1.17
CA LYS A 16 6.63 -15.94 0.12
C LYS A 16 7.33 -16.03 -1.24
N CYS A 17 8.32 -15.17 -1.46
CA CYS A 17 8.99 -15.14 -2.74
C CYS A 17 9.70 -16.46 -3.00
N GLN A 18 10.31 -17.02 -1.96
CA GLN A 18 11.07 -18.27 -2.07
C GLN A 18 10.16 -19.41 -2.49
N GLN A 19 8.96 -19.42 -1.91
CA GLN A 19 7.94 -20.36 -2.27
C GLN A 19 7.58 -20.24 -3.77
N TRP A 20 7.28 -19.01 -4.21
CA TRP A 20 6.94 -18.76 -5.61
C TRP A 20 8.12 -19.12 -6.50
N SER A 21 9.33 -18.88 -6.03
CA SER A 21 10.52 -19.27 -6.79
C SER A 21 10.62 -20.80 -7.00
N GLN A 22 10.47 -21.55 -5.91
CA GLN A 22 10.49 -23.02 -5.97
C GLN A 22 9.48 -23.57 -7.01
N GLN A 23 8.22 -23.17 -6.88
CA GLN A 23 7.14 -23.57 -7.76
C GLN A 23 7.19 -23.12 -9.20
N SER A 24 8.01 -22.14 -9.51
CA SER A 24 8.10 -21.66 -10.89
C SER A 24 9.27 -22.31 -11.63
N GLY A 25 10.02 -23.18 -10.94
CA GLY A 25 11.18 -23.82 -11.53
C GLY A 25 12.27 -22.81 -11.79
N GLN A 26 12.32 -21.81 -10.91
CA GLN A 26 13.28 -20.71 -10.98
C GLN A 26 13.10 -19.81 -12.16
N ASN A 27 11.84 -19.74 -12.67
CA ASN A 27 11.59 -18.78 -13.71
C ASN A 27 11.65 -17.39 -13.03
N VAL A 28 11.25 -17.31 -11.76
CA VAL A 28 11.43 -16.10 -10.93
C VAL A 28 12.37 -16.41 -9.77
N THR A 29 13.21 -15.47 -9.38
CA THR A 29 14.01 -15.69 -8.16
C THR A 29 13.95 -14.48 -7.29
N CYS A 30 14.54 -14.56 -6.12
CA CYS A 30 14.36 -13.49 -5.18
C CYS A 30 15.59 -12.78 -4.67
N ALA A 31 15.43 -11.48 -4.54
CA ALA A 31 16.42 -10.66 -3.90
C ALA A 31 15.67 -10.09 -2.69
N THR A 32 16.38 -9.81 -1.61
CA THR A 32 15.71 -9.24 -0.47
C THR A 32 16.36 -7.98 0.01
N ALA A 33 15.54 -7.02 0.43
CA ALA A 33 16.03 -5.81 1.05
C ALA A 33 15.17 -5.47 2.29
N SER A 34 15.65 -4.54 3.11
CA SER A 34 14.93 -4.24 4.32
C SER A 34 13.83 -3.22 4.06
N THR A 35 13.99 -2.40 3.03
CA THR A 35 12.96 -1.43 2.78
C THR A 35 12.75 -1.30 1.30
N THR A 36 11.66 -0.63 0.94
CA THR A 36 11.22 -0.46 -0.42
C THR A 36 12.23 0.38 -1.19
N ASP A 37 12.70 1.47 -0.55
CA ASP A 37 13.75 2.31 -1.08
C ASP A 37 14.99 1.50 -1.47
N ASP A 38 15.32 0.51 -0.64
CA ASP A 38 16.48 -0.33 -0.90
C ASP A 38 16.21 -1.24 -2.10
N CYS A 39 15.00 -1.76 -2.18
CA CYS A 39 14.62 -2.57 -3.33
C CYS A 39 14.68 -1.78 -4.65
N ILE A 40 14.30 -0.52 -4.59
CA ILE A 40 14.38 0.36 -5.73
C ILE A 40 15.83 0.51 -6.18
N VAL A 41 16.73 0.72 -5.22
CA VAL A 41 18.15 0.78 -5.55
C VAL A 41 18.64 -0.53 -6.18
N LEU A 42 18.25 -1.69 -5.62
CA LEU A 42 18.66 -2.95 -6.26
C LEU A 42 18.21 -3.03 -7.73
N VAL A 43 17.00 -2.56 -8.02
CA VAL A 43 16.51 -2.52 -9.39
C VAL A 43 17.31 -1.56 -10.29
N LEU A 44 17.58 -0.35 -9.79
CA LEU A 44 18.45 0.58 -10.51
C LEU A 44 19.83 -0.07 -10.80
N LYS A 45 20.41 -0.70 -9.81
CA LYS A 45 21.70 -1.33 -10.01
C LYS A 45 21.65 -2.43 -11.02
N GLY A 46 20.48 -3.04 -11.18
CA GLY A 46 20.30 -4.15 -12.11
C GLY A 46 20.40 -5.49 -11.39
N GLU A 47 20.45 -5.44 -10.06
CA GLU A 47 20.55 -6.67 -9.25
C GLU A 47 19.15 -7.27 -8.94
N ALA A 48 18.09 -6.49 -9.13
CA ALA A 48 16.72 -7.03 -9.05
C ALA A 48 16.06 -6.57 -10.32
N ASP A 49 14.98 -7.23 -10.76
CA ASP A 49 14.23 -6.80 -11.94
C ASP A 49 12.98 -5.97 -11.63
N ALA A 50 12.27 -6.34 -10.56
CA ALA A 50 10.95 -5.76 -10.37
C ALA A 50 10.39 -5.99 -8.99
N LEU A 51 9.32 -5.27 -8.69
CA LEU A 51 8.50 -5.41 -7.48
C LEU A 51 7.23 -4.56 -7.69
N ASN A 52 6.20 -4.90 -6.93
CA ASN A 52 4.94 -4.19 -6.92
C ASN A 52 5.01 -3.03 -5.92
N LEU A 53 4.50 -1.87 -6.30
CA LEU A 53 4.60 -0.68 -5.43
C LEU A 53 3.34 0.16 -5.31
N ASP A 54 3.15 0.71 -4.13
CA ASP A 54 2.13 1.71 -3.91
C ASP A 54 2.49 3.01 -4.71
N GLY A 55 1.48 3.80 -5.05
CA GLY A 55 1.70 4.98 -5.87
C GLY A 55 2.74 5.95 -5.37
N GLY A 56 2.87 6.07 -4.05
CA GLY A 56 3.84 6.96 -3.44
C GLY A 56 5.26 6.62 -3.85
N TYR A 57 5.52 5.33 -3.98
CA TYR A 57 6.85 4.85 -4.34
C TYR A 57 7.00 4.84 -5.87
N ILE A 58 5.91 4.66 -6.58
CA ILE A 58 6.01 4.72 -8.02
C ILE A 58 6.54 6.13 -8.33
N TYR A 59 6.21 7.09 -7.49
CA TYR A 59 6.64 8.46 -7.75
C TYR A 59 8.17 8.60 -7.55
N THR A 60 8.69 8.15 -6.40
CA THR A 60 10.13 7.98 -6.18
C THR A 60 10.83 7.19 -7.29
N ALA A 61 10.30 6.02 -7.60
CA ALA A 61 10.89 5.17 -8.61
C ALA A 61 10.95 5.89 -9.96
N GLY A 62 9.93 6.70 -10.25
CA GLY A 62 9.78 7.39 -11.52
C GLY A 62 10.83 8.42 -11.85
N LYS A 63 11.16 9.24 -10.86
CA LYS A 63 12.21 10.22 -10.98
C LYS A 63 13.51 9.52 -11.25
N CYS A 64 13.60 8.27 -10.82
CA CYS A 64 14.83 7.50 -11.03
C CYS A 64 14.81 6.74 -12.35
N GLY A 65 13.74 6.92 -13.12
CA GLY A 65 13.67 6.29 -14.44
C GLY A 65 13.08 4.90 -14.50
N LEU A 66 12.43 4.45 -13.42
CA LEU A 66 11.75 3.17 -13.45
C LEU A 66 10.37 3.37 -14.01
N VAL A 67 9.76 2.32 -14.55
CA VAL A 67 8.47 2.48 -15.20
C VAL A 67 7.42 1.46 -14.75
N PRO A 68 6.16 1.88 -14.76
CA PRO A 68 5.03 0.98 -14.47
C PRO A 68 4.89 -0.04 -15.58
N VAL A 69 4.68 -1.31 -15.24
CA VAL A 69 4.60 -2.38 -16.23
C VAL A 69 3.20 -2.91 -16.30
N LEU A 70 2.68 -3.34 -15.15
CA LEU A 70 1.35 -3.89 -14.97
C LEU A 70 0.77 -3.41 -13.63
N ALA A 71 -0.55 -3.29 -13.55
CA ALA A 71 -1.20 -2.81 -12.33
C ALA A 71 -2.12 -3.84 -11.69
N GLU A 72 -2.22 -3.81 -10.37
CA GLU A 72 -3.17 -4.63 -9.63
C GLU A 72 -4.60 -4.28 -10.05
N ASN A 73 -5.42 -5.28 -10.25
CA ASN A 73 -6.82 -5.06 -10.58
C ASN A 73 -7.61 -5.89 -9.60
N ARG A 74 -8.62 -5.31 -8.98
CA ARG A 74 -9.48 -6.05 -8.06
C ARG A 74 -10.88 -6.19 -8.67
N LYS A 75 -11.70 -7.04 -8.05
CA LYS A 75 -13.08 -7.31 -8.49
C LYS A 75 -13.93 -6.06 -8.79
N SER A 76 -14.72 -6.09 -9.87
CA SER A 76 -15.56 -4.92 -10.17
C SER A 76 -17.02 -5.22 -10.54
N SER A 77 -17.87 -4.28 -10.18
CA SER A 77 -19.27 -4.28 -10.55
C SER A 77 -19.38 -3.80 -12.01
N LYS A 78 -18.92 -2.58 -12.29
CA LYS A 78 -18.90 -2.00 -13.64
C LYS A 78 -17.57 -2.29 -14.40
N HIS A 79 -17.68 -2.45 -15.73
CA HIS A 79 -16.59 -2.87 -16.63
C HIS A 79 -16.56 -4.40 -16.79
N SER A 80 -17.67 -5.03 -16.39
CA SER A 80 -17.81 -6.49 -16.18
C SER A 80 -17.59 -7.48 -17.33
N SER A 81 -17.85 -7.07 -18.56
CA SER A 81 -17.69 -7.96 -19.71
C SER A 81 -16.23 -8.25 -19.99
N LEU A 82 -15.42 -7.20 -19.96
CA LEU A 82 -14.00 -7.28 -20.27
C LEU A 82 -13.23 -8.22 -19.37
N ASP A 83 -12.24 -8.89 -19.94
CA ASP A 83 -11.36 -9.76 -19.17
C ASP A 83 -10.56 -8.89 -18.22
N CYS A 84 -10.20 -9.46 -17.07
CA CYS A 84 -9.48 -8.71 -16.05
C CYS A 84 -8.18 -8.12 -16.59
N VAL A 85 -7.43 -8.92 -17.35
CA VAL A 85 -6.14 -8.47 -17.85
C VAL A 85 -6.22 -7.24 -18.76
N LEU A 86 -7.37 -7.04 -19.39
CA LEU A 86 -7.56 -5.94 -20.34
C LEU A 86 -8.34 -4.73 -19.78
N ARG A 87 -9.20 -4.99 -18.80
CA ARG A 87 -10.01 -4.01 -18.07
C ARG A 87 -9.20 -2.87 -17.43
N PRO A 88 -9.65 -1.62 -17.57
CA PRO A 88 -8.90 -0.49 -16.99
C PRO A 88 -9.00 -0.54 -15.46
N THR A 89 -8.02 0.02 -14.77
CA THR A 89 -8.08 -0.03 -13.30
C THR A 89 -8.95 1.07 -12.76
N GLU A 90 -9.51 0.85 -11.58
CA GLU A 90 -10.46 1.80 -11.05
C GLU A 90 -9.94 2.71 -9.95
N GLY A 91 -8.79 2.38 -9.35
CA GLY A 91 -8.25 3.17 -8.24
C GLY A 91 -8.85 2.73 -6.92
N TYR A 92 -8.39 3.28 -5.79
CA TYR A 92 -8.94 2.88 -4.52
C TYR A 92 -9.19 4.10 -3.66
N LEU A 93 -10.11 3.97 -2.71
CA LEU A 93 -10.48 5.08 -1.87
C LEU A 93 -9.63 5.11 -0.61
N ALA A 94 -8.95 6.23 -0.40
CA ALA A 94 -8.20 6.47 0.81
C ALA A 94 -9.18 7.13 1.76
N VAL A 95 -9.29 6.61 2.97
CA VAL A 95 -10.26 7.09 3.95
C VAL A 95 -9.57 7.26 5.29
N ALA A 96 -10.20 7.96 6.23
CA ALA A 96 -9.72 8.11 7.61
C ALA A 96 -10.78 7.43 8.45
N VAL A 97 -10.39 6.47 9.27
CA VAL A 97 -11.34 5.62 10.01
C VAL A 97 -11.17 5.81 11.51
N VAL A 98 -12.29 5.84 12.24
CA VAL A 98 -12.22 5.96 13.70
C VAL A 98 -13.22 4.97 14.32
N LYS A 99 -13.15 4.86 15.65
CA LYS A 99 -14.07 4.01 16.40
C LYS A 99 -15.36 4.77 16.59
N LYS A 100 -16.51 4.15 16.34
CA LYS A 100 -17.76 4.88 16.59
C LYS A 100 -17.78 5.38 18.03
N ALA A 101 -17.27 4.54 18.93
CA ALA A 101 -17.27 4.85 20.36
C ALA A 101 -16.54 6.12 20.78
N ASN A 102 -15.72 6.64 19.87
CA ASN A 102 -14.90 7.81 20.09
C ASN A 102 -15.67 8.99 19.44
N GLU A 103 -16.72 9.42 20.14
CA GLU A 103 -17.66 10.43 19.65
C GLU A 103 -17.10 11.82 19.56
N GLY A 104 -17.66 12.63 18.67
CA GLY A 104 -17.18 13.99 18.48
C GLY A 104 -15.76 14.12 17.94
N LEU A 105 -15.20 13.04 17.44
CA LEU A 105 -13.92 13.13 16.74
C LEU A 105 -14.25 13.30 15.24
N THR A 106 -13.90 14.44 14.66
CA THR A 106 -14.16 14.72 13.25
C THR A 106 -12.85 15.07 12.58
N TRP A 107 -12.88 15.27 11.27
CA TRP A 107 -11.71 15.72 10.55
C TRP A 107 -11.17 16.99 11.16
N ASN A 108 -12.09 17.79 11.74
CA ASN A 108 -11.73 19.11 12.26
C ASN A 108 -11.29 19.13 13.71
N SER A 109 -11.26 17.97 14.37
CA SER A 109 -10.75 17.91 15.72
C SER A 109 -9.55 16.93 15.87
N LEU A 110 -9.02 16.51 14.75
CA LEU A 110 -7.89 15.58 14.73
C LEU A 110 -6.64 16.18 15.36
N LYS A 111 -6.70 17.47 15.65
CA LYS A 111 -5.52 18.15 16.20
C LYS A 111 -5.10 17.52 17.54
N ASP A 112 -3.82 17.09 17.60
CA ASP A 112 -3.09 16.43 18.74
C ASP A 112 -3.69 15.06 19.17
N LYS A 113 -4.43 14.39 18.29
CA LYS A 113 -4.91 13.04 18.52
C LYS A 113 -3.86 12.04 18.02
N LYS A 114 -4.06 10.76 18.32
CA LYS A 114 -3.09 9.74 17.93
C LYS A 114 -3.40 9.12 16.54
N SER A 115 -2.37 8.97 15.69
CA SER A 115 -2.57 8.50 14.33
C SER A 115 -1.80 7.25 13.97
N CYS A 116 -2.41 6.45 13.09
CA CYS A 116 -1.82 5.21 12.59
C CYS A 116 -1.69 5.35 11.09
N HIS A 117 -0.48 5.19 10.56
CA HIS A 117 -0.23 5.34 9.13
C HIS A 117 0.35 4.07 8.55
N THR A 118 0.05 3.77 7.29
CA THR A 118 0.60 2.55 6.71
C THR A 118 2.17 2.56 6.74
N ALA A 119 2.71 3.71 6.30
CA ALA A 119 4.15 4.03 6.24
C ALA A 119 4.33 5.47 5.79
N VAL A 120 5.56 5.96 5.91
CA VAL A 120 5.87 7.27 5.41
C VAL A 120 5.96 7.10 3.89
N ASP A 121 5.59 8.15 3.16
CA ASP A 121 5.65 8.15 1.69
C ASP A 121 4.61 7.32 0.91
N ARG A 122 3.69 6.67 1.60
CA ARG A 122 2.66 5.90 0.91
C ARG A 122 1.41 6.74 0.64
N THR A 123 0.59 6.34 -0.32
CA THR A 123 -0.54 7.16 -0.75
C THR A 123 -1.66 7.44 0.28
N ALA A 124 -2.32 6.40 0.75
CA ALA A 124 -3.42 6.62 1.69
C ALA A 124 -2.95 6.84 3.10
N GLY A 125 -1.82 6.26 3.43
CA GLY A 125 -1.34 6.30 4.80
C GLY A 125 -0.59 7.56 5.11
N TRP A 126 -0.15 8.26 4.06
CA TRP A 126 0.70 9.42 4.29
C TRP A 126 0.52 10.61 3.35
N ASN A 127 0.83 10.42 2.07
CA ASN A 127 0.80 11.50 1.11
C ASN A 127 -0.53 12.21 1.04
N ILE A 128 -1.62 11.47 1.10
CA ILE A 128 -2.91 12.12 0.95
C ILE A 128 -3.24 12.89 2.20
N PRO A 129 -3.27 12.22 3.36
CA PRO A 129 -3.69 12.86 4.61
C PRO A 129 -2.79 13.98 5.10
N MET A 130 -1.48 13.86 4.90
CA MET A 130 -0.52 14.89 5.29
C MET A 130 -0.55 16.04 4.29
N GLY A 131 -0.69 15.69 3.01
CA GLY A 131 -0.84 16.68 1.96
C GLY A 131 -1.99 17.59 2.37
N LEU A 132 -3.11 17.01 2.76
CA LEU A 132 -4.25 17.80 3.21
C LEU A 132 -3.95 18.58 4.49
N ILE A 133 -3.29 17.94 5.45
CA ILE A 133 -3.06 18.57 6.72
C ILE A 133 -2.12 19.77 6.61
N VAL A 134 -1.09 19.63 5.78
CA VAL A 134 -0.15 20.70 5.53
C VAL A 134 -0.89 21.85 4.86
N ASN A 135 -1.69 21.54 3.86
CA ASN A 135 -2.40 22.58 3.11
C ASN A 135 -3.37 23.36 3.97
N GLN A 136 -4.23 22.69 4.74
CA GLN A 136 -5.19 23.47 5.54
C GLN A 136 -4.54 24.02 6.80
N THR A 137 -3.30 23.64 7.07
CA THR A 137 -2.62 24.15 8.25
C THR A 137 -1.68 25.34 8.01
N GLY A 138 -1.30 25.56 6.76
CA GLY A 138 -0.31 26.58 6.49
C GLY A 138 1.06 26.10 6.91
N SER A 139 1.16 25.24 7.93
CA SER A 139 2.47 24.77 8.36
C SER A 139 2.93 23.43 7.75
N CYS A 140 4.23 23.42 7.45
CA CYS A 140 4.94 22.25 6.95
C CYS A 140 5.36 21.44 8.17
N ALA A 141 4.78 21.80 9.36
CA ALA A 141 5.10 21.18 10.66
C ALA A 141 4.45 19.81 10.88
N PHE A 142 4.04 19.06 9.83
CA PHE A 142 3.27 17.79 10.01
C PHE A 142 3.71 16.85 11.12
N ASP A 143 4.94 16.95 11.60
CA ASP A 143 5.39 16.06 12.67
C ASP A 143 4.98 16.52 14.06
N GLU A 144 4.30 17.65 14.13
CA GLU A 144 3.87 18.18 15.42
C GLU A 144 2.34 18.24 15.52
N PHE A 145 1.64 17.87 14.45
CA PHE A 145 0.17 17.89 14.43
C PHE A 145 -0.43 16.80 15.33
N PHE A 146 0.06 15.57 15.20
CA PHE A 146 -0.43 14.47 16.02
C PHE A 146 0.43 14.40 17.26
N SER A 147 -0.12 14.00 18.41
CA SER A 147 0.70 13.99 19.62
C SER A 147 1.68 12.84 19.54
N GLN A 148 1.20 11.70 19.06
CA GLN A 148 2.00 10.49 18.90
C GLN A 148 1.45 9.75 17.69
N SER A 149 2.28 8.96 17.01
CA SER A 149 1.83 8.22 15.82
C SER A 149 2.58 6.92 15.66
N CYS A 150 2.07 6.06 14.79
CA CYS A 150 2.91 4.99 14.27
C CYS A 150 3.01 5.28 12.78
N ALA A 151 4.18 5.69 12.33
CA ALA A 151 4.39 6.06 10.91
C ALA A 151 5.67 5.39 10.45
N PRO A 152 5.56 4.13 10.08
CA PRO A 152 6.75 3.35 9.73
C PRO A 152 7.63 4.06 8.71
N GLY A 153 8.94 4.07 8.99
CA GLY A 153 9.91 4.77 8.18
C GLY A 153 10.30 6.17 8.64
N ALA A 154 9.78 6.60 9.80
CA ALA A 154 10.15 7.89 10.36
C ALA A 154 11.24 7.58 11.40
N ASP A 155 11.93 8.63 11.89
CA ASP A 155 12.99 8.52 12.94
C ASP A 155 12.43 7.73 14.12
N PRO A 156 13.18 6.70 14.52
CA PRO A 156 12.69 5.81 15.58
C PRO A 156 12.36 6.50 16.91
N LYS A 157 13.17 7.49 17.19
CA LYS A 157 13.06 8.22 18.42
C LYS A 157 12.13 9.44 18.37
N SER A 158 11.41 9.66 17.28
CA SER A 158 10.45 10.74 17.24
C SER A 158 9.05 10.29 17.70
N ARG A 159 8.21 11.28 17.89
CA ARG A 159 6.82 11.07 18.16
C ARG A 159 6.07 10.33 17.03
N LEU A 160 6.60 10.39 15.82
CA LEU A 160 5.98 9.72 14.70
C LEU A 160 6.13 8.20 14.74
N CYS A 161 6.97 7.71 15.64
CA CYS A 161 7.24 6.27 15.78
C CYS A 161 6.81 5.78 17.17
N ALA A 162 6.38 6.72 18.02
CA ALA A 162 6.00 6.41 19.40
C ALA A 162 5.00 5.27 19.56
N LEU A 163 4.04 5.15 18.65
CA LEU A 163 3.02 4.12 18.78
C LEU A 163 3.40 2.81 18.08
N CYS A 164 4.55 2.78 17.41
CA CYS A 164 4.97 1.56 16.71
C CYS A 164 5.53 0.53 17.68
N ALA A 165 5.35 -0.74 17.36
CA ALA A 165 5.70 -1.81 18.29
C ALA A 165 6.86 -2.72 17.90
N GLY A 166 7.27 -2.72 16.65
CA GLY A 166 8.33 -3.63 16.24
C GLY A 166 7.79 -5.06 16.17
N ASP A 167 8.65 -6.05 16.37
CA ASP A 167 8.21 -7.45 16.26
C ASP A 167 7.76 -8.13 17.52
N ASP A 168 7.92 -9.46 17.35
CA ASP A 168 7.72 -10.48 18.35
C ASP A 168 8.27 -9.99 19.64
N GLN A 169 9.52 -9.63 19.51
CA GLN A 169 10.16 -9.22 20.70
C GLN A 169 10.55 -7.75 20.84
N GLY A 170 9.96 -6.80 20.12
CA GLY A 170 10.35 -5.40 20.36
C GLY A 170 11.45 -4.81 19.48
N LEU A 171 12.04 -5.67 18.61
CA LEU A 171 13.07 -5.18 17.70
C LEU A 171 12.42 -4.60 16.44
N ASP A 172 13.19 -3.85 15.69
CA ASP A 172 12.75 -3.36 14.39
C ASP A 172 11.60 -2.36 14.44
N LYS A 173 11.45 -1.74 15.61
CA LYS A 173 10.44 -0.74 15.85
C LYS A 173 10.38 0.27 14.66
N CYS A 174 9.18 0.54 14.18
CA CYS A 174 8.98 1.53 13.13
C CYS A 174 9.67 1.24 11.79
N VAL A 175 10.15 0.00 11.57
CA VAL A 175 10.72 -0.32 10.26
C VAL A 175 9.59 -0.38 9.30
N PRO A 176 9.80 0.12 8.09
CA PRO A 176 8.72 0.14 7.10
C PRO A 176 8.75 -1.16 6.36
N ASN A 177 8.56 -2.25 7.08
CA ASN A 177 8.37 -3.57 6.47
C ASN A 177 7.53 -4.33 7.46
N SER A 178 7.05 -5.50 7.08
CA SER A 178 6.08 -6.21 7.91
C SER A 178 6.57 -6.81 9.20
N LYS A 179 7.86 -6.65 9.53
CA LYS A 179 8.31 -7.02 10.86
C LYS A 179 7.59 -6.14 11.88
N GLU A 180 7.31 -4.90 11.49
CA GLU A 180 6.60 -3.94 12.35
C GLU A 180 5.10 -4.25 12.39
N LYS A 181 4.60 -4.45 13.60
CA LYS A 181 3.26 -4.92 13.86
C LYS A 181 2.20 -4.03 13.22
N TYR A 182 2.48 -2.71 13.25
CA TYR A 182 1.58 -1.71 12.72
C TYR A 182 1.90 -1.17 11.32
N TYR A 183 2.78 -1.85 10.59
CA TYR A 183 3.07 -1.53 9.17
C TYR A 183 1.95 -1.83 8.16
N GLY A 184 1.79 -0.97 7.14
CA GLY A 184 0.90 -1.26 6.02
C GLY A 184 -0.58 -1.08 6.29
N TYR A 185 -1.42 -1.49 5.35
CA TYR A 185 -2.85 -1.29 5.54
C TYR A 185 -3.34 -2.07 6.74
N THR A 186 -2.94 -3.33 6.82
CA THR A 186 -3.42 -4.20 7.87
C THR A 186 -2.96 -3.74 9.25
N GLY A 187 -1.69 -3.34 9.34
CA GLY A 187 -1.09 -2.89 10.59
C GLY A 187 -1.70 -1.61 11.14
N ALA A 188 -1.85 -0.61 10.27
CA ALA A 188 -2.48 0.66 10.63
C ALA A 188 -3.91 0.46 11.13
N PHE A 189 -4.67 -0.36 10.43
CA PHE A 189 -6.01 -0.64 10.89
C PHE A 189 -5.96 -1.39 12.24
N ARG A 190 -4.98 -2.25 12.43
CA ARG A 190 -4.80 -2.94 13.71
C ARG A 190 -4.46 -1.94 14.82
N CYS A 191 -3.63 -0.95 14.49
CA CYS A 191 -3.27 0.13 15.41
C CYS A 191 -4.54 0.83 15.96
N LEU A 192 -5.53 1.06 15.10
CA LEU A 192 -6.79 1.64 15.52
C LEU A 192 -7.64 0.62 16.28
N ALA A 193 -7.78 -0.58 15.74
CA ALA A 193 -8.64 -1.56 16.34
C ALA A 193 -8.29 -1.90 17.78
N GLU A 194 -7.00 -1.81 18.09
CA GLU A 194 -6.49 -2.13 19.40
C GLU A 194 -6.40 -0.87 20.23
N ASP A 195 -6.93 0.23 19.72
CA ASP A 195 -7.01 1.48 20.48
C ASP A 195 -5.67 2.05 20.86
N VAL A 196 -4.67 1.66 20.09
CA VAL A 196 -3.37 2.27 20.17
C VAL A 196 -3.50 3.70 19.57
N GLY A 197 -4.20 3.87 18.45
CA GLY A 197 -4.41 5.21 17.92
C GLY A 197 -5.87 5.62 17.86
N ASP A 198 -6.14 6.90 17.59
CA ASP A 198 -7.51 7.42 17.46
C ASP A 198 -8.02 7.36 16.05
N VAL A 199 -7.10 7.47 15.09
CA VAL A 199 -7.40 7.48 13.67
C VAL A 199 -6.40 6.65 12.86
N ALA A 200 -6.89 5.94 11.86
CA ALA A 200 -6.02 5.24 10.92
C ALA A 200 -6.28 5.76 9.51
N PHE A 201 -5.23 5.89 8.72
CA PHE A 201 -5.36 6.31 7.35
C PHE A 201 -5.02 5.13 6.48
N VAL A 202 -6.06 4.52 5.94
CA VAL A 202 -5.95 3.34 5.12
C VAL A 202 -6.85 3.57 3.93
N LYS A 203 -7.26 2.48 3.30
CA LYS A 203 -8.17 2.55 2.17
C LYS A 203 -9.48 1.85 2.54
N ASN A 204 -10.51 2.00 1.73
CA ASN A 204 -11.82 1.49 2.10
C ASN A 204 -11.82 -0.04 2.24
N ASP A 205 -11.11 -0.72 1.34
CA ASP A 205 -11.06 -2.17 1.32
C ASP A 205 -10.61 -2.82 2.65
N THR A 206 -9.65 -2.20 3.30
CA THR A 206 -9.09 -2.66 4.57
C THR A 206 -10.13 -2.85 5.70
N VAL A 207 -11.07 -1.93 5.81
CA VAL A 207 -12.10 -2.00 6.83
C VAL A 207 -12.98 -3.22 6.63
N TRP A 208 -13.37 -3.46 5.38
CA TRP A 208 -14.26 -4.55 5.05
C TRP A 208 -13.59 -5.91 5.06
N GLU A 209 -12.27 -5.93 4.96
CA GLU A 209 -11.54 -7.19 4.89
C GLU A 209 -11.09 -7.68 6.26
N ASN A 210 -11.12 -6.78 7.24
CA ASN A 210 -10.76 -7.19 8.60
C ASN A 210 -11.88 -7.05 9.62
N THR A 211 -13.14 -7.10 9.18
CA THR A 211 -14.31 -6.99 10.07
C THR A 211 -15.38 -8.03 9.73
N ASN A 212 -16.24 -8.31 10.69
CA ASN A 212 -17.39 -9.19 10.45
C ASN A 212 -17.01 -10.59 9.95
N GLY A 213 -15.99 -11.17 10.57
CA GLY A 213 -15.55 -12.50 10.20
C GLY A 213 -14.69 -12.67 8.95
N GLU A 214 -14.39 -11.60 8.23
CA GLU A 214 -13.61 -11.73 6.98
C GLU A 214 -12.16 -12.09 7.27
N SER A 215 -11.68 -11.70 8.44
CA SER A 215 -10.34 -12.06 8.83
C SER A 215 -10.44 -13.02 10.01
N THR A 216 -9.48 -13.92 10.15
CA THR A 216 -9.50 -14.92 11.21
C THR A 216 -8.31 -14.72 12.13
N ALA A 217 -7.59 -13.64 11.84
CA ALA A 217 -6.54 -13.16 12.69
C ALA A 217 -7.29 -12.86 13.97
N ASP A 218 -6.63 -13.10 15.10
CA ASP A 218 -7.30 -12.97 16.39
C ASP A 218 -7.54 -11.54 16.91
N TRP A 219 -6.83 -10.56 16.37
CA TRP A 219 -7.05 -9.17 16.81
C TRP A 219 -8.26 -8.60 16.08
N ALA A 220 -8.68 -9.30 15.03
CA ALA A 220 -9.74 -8.81 14.13
C ALA A 220 -11.03 -9.62 14.10
N LYS A 221 -10.98 -10.83 14.65
CA LYS A 221 -12.14 -11.72 14.58
C LYS A 221 -13.38 -11.21 15.29
N ASN A 222 -13.23 -10.44 16.37
CA ASN A 222 -14.43 -9.89 17.00
C ASN A 222 -14.88 -8.52 16.48
N LEU A 223 -14.17 -7.99 15.49
CA LEU A 223 -14.48 -6.64 15.02
C LEU A 223 -15.73 -6.57 14.14
N LYS A 224 -16.53 -5.53 14.37
CA LYS A 224 -17.74 -5.28 13.60
C LYS A 224 -17.65 -3.95 12.82
N ARG A 225 -18.11 -3.93 11.58
CA ARG A 225 -18.15 -2.70 10.81
C ARG A 225 -18.91 -1.56 11.50
N GLU A 226 -20.06 -1.83 12.11
CA GLU A 226 -20.78 -0.71 12.76
C GLU A 226 -20.00 -0.04 13.87
N ASP A 227 -18.89 -0.62 14.29
CA ASP A 227 -18.06 -0.06 15.35
C ASP A 227 -17.09 0.98 14.84
N PHE A 228 -17.07 1.18 13.53
CA PHE A 228 -16.20 2.18 12.96
C PHE A 228 -16.99 3.23 12.19
N ARG A 229 -16.33 4.36 11.96
CA ARG A 229 -16.90 5.45 11.18
C ARG A 229 -15.83 6.02 10.26
N LEU A 230 -16.22 6.50 9.09
CA LEU A 230 -15.31 7.23 8.22
C LEU A 230 -15.38 8.73 8.54
N LEU A 231 -14.25 9.43 8.53
CA LEU A 231 -14.26 10.89 8.71
C LEU A 231 -14.24 11.56 7.36
N CYS A 232 -15.28 12.30 7.01
CA CYS A 232 -15.33 13.03 5.74
C CYS A 232 -14.67 14.39 5.89
N LEU A 233 -14.34 15.02 4.77
CA LEU A 233 -13.67 16.32 4.80
C LEU A 233 -14.61 17.47 5.18
N ASP A 234 -15.92 17.25 5.04
CA ASP A 234 -16.93 18.26 5.41
C ASP A 234 -17.22 18.26 6.90
N GLY A 235 -16.38 17.61 7.68
CA GLY A 235 -16.55 17.59 9.13
C GLY A 235 -17.58 16.62 9.64
N THR A 236 -18.18 15.82 8.77
CA THR A 236 -19.17 14.86 9.26
C THR A 236 -18.56 13.47 9.47
N ARG A 237 -19.38 12.54 9.95
CA ARG A 237 -18.94 11.18 10.22
C ARG A 237 -19.94 10.24 9.57
N LYS A 238 -19.47 9.26 8.83
CA LYS A 238 -20.40 8.39 8.16
C LYS A 238 -20.13 6.92 8.40
N PRO A 239 -21.16 6.10 8.29
CA PRO A 239 -20.98 4.65 8.31
C PRO A 239 -20.00 4.24 7.21
N VAL A 240 -19.38 3.08 7.34
CA VAL A 240 -18.34 2.69 6.40
C VAL A 240 -18.88 2.33 5.05
N THR A 241 -20.17 2.03 4.99
CA THR A 241 -20.84 1.73 3.72
C THR A 241 -20.85 2.93 2.77
N GLU A 242 -20.54 4.11 3.29
CA GLU A 242 -20.59 5.36 2.51
C GLU A 242 -19.26 5.86 1.98
N ALA A 243 -18.27 4.99 1.83
CA ALA A 243 -16.98 5.48 1.35
C ALA A 243 -17.04 6.30 0.06
N GLN A 244 -17.99 5.99 -0.83
CA GLN A 244 -18.09 6.72 -2.10
C GLN A 244 -18.46 8.20 -1.90
N SER A 245 -19.00 8.56 -0.74
CA SER A 245 -19.29 9.97 -0.45
C SER A 245 -18.45 10.57 0.67
N CYS A 246 -17.65 9.73 1.32
CA CYS A 246 -16.84 10.15 2.44
C CYS A 246 -15.37 9.67 2.35
N HIS A 247 -14.61 10.13 1.36
CA HIS A 247 -13.21 9.70 1.21
C HIS A 247 -12.28 10.89 1.08
N LEU A 248 -11.00 10.68 1.36
CA LEU A 248 -10.01 11.75 1.25
C LEU A 248 -9.57 11.90 -0.19
N ALA A 249 -9.52 10.80 -0.94
CA ALA A 249 -9.14 10.87 -2.35
C ALA A 249 -9.23 9.49 -2.97
N VAL A 250 -9.08 9.42 -4.29
CA VAL A 250 -9.02 8.15 -4.99
C VAL A 250 -7.56 7.97 -5.38
N ALA A 251 -7.02 6.80 -5.05
CA ALA A 251 -5.62 6.51 -5.24
C ALA A 251 -5.36 5.64 -6.46
N PRO A 252 -4.28 5.90 -7.19
CA PRO A 252 -3.87 4.97 -8.25
C PRO A 252 -3.51 3.59 -7.67
N ASN A 253 -3.85 2.56 -8.42
CA ASN A 253 -3.59 1.20 -7.96
C ASN A 253 -2.10 0.93 -7.80
N HIS A 254 -1.78 -0.06 -6.98
CA HIS A 254 -0.41 -0.45 -6.82
C HIS A 254 -0.05 -1.10 -8.15
N ALA A 255 1.20 -0.93 -8.58
CA ALA A 255 1.67 -1.50 -9.84
C ALA A 255 3.12 -1.99 -9.78
N VAL A 256 3.43 -2.95 -10.65
CA VAL A 256 4.75 -3.50 -10.84
C VAL A 256 5.56 -2.47 -11.59
N VAL A 257 6.76 -2.19 -11.09
CA VAL A 257 7.67 -1.30 -11.80
C VAL A 257 8.92 -2.11 -12.10
N SER A 258 9.63 -1.67 -13.13
CA SER A 258 10.88 -2.29 -13.49
C SER A 258 11.71 -1.23 -14.20
N ARG A 259 12.98 -1.52 -14.44
CA ARG A 259 13.79 -0.63 -15.26
C ARG A 259 13.21 -0.68 -16.66
N SER A 260 13.23 0.46 -17.32
CA SER A 260 12.65 0.59 -18.65
C SER A 260 13.22 -0.38 -19.66
N ASP A 261 14.51 -0.66 -19.58
CA ASP A 261 15.10 -1.59 -20.54
C ASP A 261 14.72 -3.06 -20.21
N ARG A 262 14.01 -3.28 -19.12
CA ARG A 262 13.60 -4.64 -18.75
C ARG A 262 12.11 -4.81 -18.77
N ALA A 263 11.40 -3.72 -18.98
CA ALA A 263 9.95 -3.70 -18.97
C ALA A 263 9.24 -4.80 -19.75
N ALA A 264 9.67 -5.02 -20.99
CA ALA A 264 9.02 -6.00 -21.87
C ALA A 264 9.23 -7.39 -21.39
N HIS A 265 10.44 -7.63 -20.93
CA HIS A 265 10.80 -8.96 -20.46
C HIS A 265 10.01 -9.25 -19.19
N VAL A 266 9.99 -8.28 -18.28
CA VAL A 266 9.26 -8.45 -17.03
C VAL A 266 7.78 -8.67 -17.31
N GLU A 267 7.22 -7.92 -18.26
CA GLU A 267 5.80 -8.05 -18.57
C GLU A 267 5.41 -9.45 -19.02
N GLN A 268 6.21 -10.02 -19.91
CA GLN A 268 5.94 -11.34 -20.50
C GLN A 268 5.89 -12.50 -19.49
N VAL A 269 6.90 -12.56 -18.63
CA VAL A 269 6.99 -13.61 -17.64
C VAL A 269 5.89 -13.55 -16.58
N LEU A 270 5.42 -12.36 -16.27
CA LEU A 270 4.42 -12.21 -15.21
C LEU A 270 3.02 -12.50 -15.72
N LEU A 271 2.75 -12.16 -16.98
CA LEU A 271 1.49 -12.56 -17.57
C LEU A 271 1.40 -14.09 -17.59
N HIS A 272 2.51 -14.76 -17.87
CA HIS A 272 2.58 -16.24 -17.85
C HIS A 272 2.50 -16.78 -16.42
N GLN A 273 3.24 -16.16 -15.53
CA GLN A 273 3.20 -16.53 -14.12
C GLN A 273 1.77 -16.45 -13.51
N GLN A 274 1.02 -15.40 -13.85
CA GLN A 274 -0.34 -15.22 -13.34
C GLN A 274 -1.37 -16.20 -13.91
N ALA A 275 -1.17 -16.64 -15.15
CA ALA A 275 -2.01 -17.68 -15.74
C ALA A 275 -1.90 -18.92 -14.88
N LEU A 276 -0.70 -19.15 -14.33
CA LEU A 276 -0.36 -20.34 -13.53
C LEU A 276 -0.73 -20.20 -12.06
N PHE A 277 -0.58 -19.06 -11.48
CA PHE A 277 -0.80 -19.00 -10.05
C PHE A 277 -1.77 -17.90 -9.63
N GLY A 278 -2.41 -17.28 -10.63
CA GLY A 278 -3.35 -16.20 -10.42
C GLY A 278 -4.66 -16.71 -9.88
N LYS A 279 -5.64 -15.81 -9.87
CA LYS A 279 -7.00 -16.06 -9.35
C LYS A 279 -7.73 -17.21 -10.04
N ASN A 280 -7.47 -17.44 -11.32
CA ASN A 280 -8.03 -18.64 -11.93
C ASN A 280 -6.99 -19.69 -12.36
N GLY A 281 -5.75 -19.49 -11.93
CA GLY A 281 -4.60 -20.25 -12.39
C GLY A 281 -4.57 -21.76 -12.31
N LYS A 282 -3.80 -22.35 -13.22
CA LYS A 282 -3.62 -23.81 -13.31
C LYS A 282 -3.28 -24.41 -11.97
N ASN A 283 -2.81 -23.62 -11.09
CA ASN A 283 -2.54 -24.21 -9.83
C ASN A 283 -2.72 -23.15 -8.60
N CYS A 284 -3.82 -22.23 -8.52
CA CYS A 284 -4.02 -21.29 -7.31
C CYS A 284 -4.27 -22.19 -6.08
N PRO A 285 -5.52 -22.50 -5.64
CA PRO A 285 -5.61 -23.42 -4.46
C PRO A 285 -4.73 -24.77 -4.33
N ASP A 286 -4.30 -25.59 -5.38
CA ASP A 286 -3.55 -26.89 -5.18
C ASP A 286 -2.07 -26.78 -4.79
N LYS A 287 -1.32 -25.92 -5.46
CA LYS A 287 0.07 -25.79 -5.13
C LYS A 287 0.38 -24.41 -4.60
N PHE A 288 0.23 -23.40 -5.47
CA PHE A 288 0.57 -22.05 -5.06
C PHE A 288 -0.33 -20.94 -5.63
N CYS A 289 -0.66 -19.94 -4.78
CA CYS A 289 -1.49 -18.77 -5.12
C CYS A 289 -0.66 -17.48 -4.92
N LEU A 290 -0.34 -16.80 -6.02
CA LEU A 290 0.46 -15.58 -5.94
C LEU A 290 -0.26 -14.47 -5.18
N PHE A 291 -1.59 -14.49 -5.22
CA PHE A 291 -2.35 -13.42 -4.58
C PHE A 291 -2.87 -13.73 -3.17
N LYS A 292 -2.36 -14.78 -2.55
CA LYS A 292 -2.74 -14.99 -1.18
C LYS A 292 -1.52 -15.02 -0.26
N SER A 293 -1.76 -14.53 0.96
CA SER A 293 -0.79 -14.51 2.05
C SER A 293 -1.59 -14.28 3.34
N GLU A 294 -2.78 -14.87 3.39
CA GLU A 294 -3.64 -14.72 4.57
C GLU A 294 -3.73 -13.29 5.16
N THR A 295 -4.28 -12.35 4.37
CA THR A 295 -4.50 -10.97 4.81
C THR A 295 -3.25 -10.11 5.09
N LYS A 296 -2.08 -10.63 4.75
CA LYS A 296 -0.83 -9.93 5.06
C LYS A 296 -0.34 -9.06 3.92
N ASN A 297 -0.94 -9.23 2.74
CA ASN A 297 -0.60 -8.41 1.57
C ASN A 297 0.89 -8.48 1.28
N LEU A 298 1.41 -9.71 1.16
CA LEU A 298 2.82 -9.96 0.89
C LEU A 298 3.03 -9.98 -0.61
N LEU A 299 3.96 -9.17 -1.11
CA LEU A 299 4.22 -8.99 -2.56
C LEU A 299 3.09 -8.32 -3.33
N PHE A 300 1.85 -8.72 -3.07
CA PHE A 300 0.71 -8.16 -3.79
C PHE A 300 -0.38 -8.05 -2.75
N ASN A 301 -1.31 -7.13 -2.95
CA ASN A 301 -2.47 -7.08 -2.09
C ASN A 301 -3.27 -8.37 -2.27
N ASP A 302 -3.81 -8.90 -1.19
CA ASP A 302 -4.60 -10.13 -1.27
C ASP A 302 -5.91 -9.98 -2.04
N ASN A 303 -6.42 -8.75 -2.20
CA ASN A 303 -7.67 -8.63 -2.94
C ASN A 303 -7.50 -8.58 -4.45
N THR A 304 -6.27 -8.73 -4.92
CA THR A 304 -5.96 -8.68 -6.33
C THR A 304 -6.56 -9.80 -7.17
N GLU A 305 -7.34 -9.44 -8.19
CA GLU A 305 -7.89 -10.45 -9.09
C GLU A 305 -6.89 -10.82 -10.16
N CYS A 306 -6.17 -9.83 -10.65
CA CYS A 306 -5.12 -10.04 -11.64
C CYS A 306 -4.31 -8.79 -11.80
N LEU A 307 -3.24 -8.90 -12.58
CA LEU A 307 -2.39 -7.79 -12.92
C LEU A 307 -2.80 -7.39 -14.31
N ALA A 308 -3.21 -6.16 -14.48
CA ALA A 308 -3.73 -5.67 -15.75
C ALA A 308 -2.67 -4.96 -16.58
N LYS A 309 -2.80 -5.06 -17.90
CA LYS A 309 -1.94 -4.36 -18.84
C LYS A 309 -2.39 -2.91 -18.79
N LEU A 310 -1.48 -1.96 -19.01
CA LEU A 310 -1.86 -0.56 -19.03
C LEU A 310 -1.91 -0.12 -20.47
N GLY A 311 -3.05 0.32 -20.97
CA GLY A 311 -3.00 0.68 -22.39
C GLY A 311 -2.76 2.16 -22.53
N GLY A 312 -1.85 2.57 -23.42
CA GLY A 312 -1.51 3.98 -23.58
C GLY A 312 -0.06 4.14 -23.21
N ARG A 313 0.53 3.03 -22.75
CA ARG A 313 1.93 2.97 -22.35
C ARG A 313 2.35 4.17 -21.52
N PRO A 314 1.72 4.30 -20.36
CA PRO A 314 1.97 5.35 -19.42
C PRO A 314 3.35 5.66 -18.97
N THR A 315 3.67 6.93 -18.93
CA THR A 315 4.85 7.25 -18.19
C THR A 315 4.30 7.20 -16.77
N TYR A 316 5.20 7.34 -15.82
CA TYR A 316 4.80 7.27 -14.44
C TYR A 316 3.92 8.50 -14.05
N GLU A 317 4.08 9.63 -14.75
CA GLU A 317 3.24 10.81 -14.45
C GLU A 317 1.79 10.53 -14.89
N GLU A 318 1.60 10.18 -16.15
CA GLU A 318 0.27 9.83 -16.67
C GLU A 318 -0.38 8.77 -15.78
N TYR A 319 0.50 7.80 -15.36
CA TYR A 319 0.02 6.67 -14.54
C TYR A 319 -0.51 7.20 -13.18
N LEU A 320 0.19 8.14 -12.58
CA LEU A 320 -0.21 8.67 -11.27
C LEU A 320 -1.26 9.76 -11.43
N GLY A 321 -1.32 10.31 -12.64
CA GLY A 321 -2.23 11.41 -12.94
C GLY A 321 -1.67 12.71 -12.40
N THR A 322 -2.03 13.84 -13.04
CA THR A 322 -1.56 15.17 -12.63
C THR A 322 -2.02 15.58 -11.24
N GLU A 323 -3.27 15.24 -10.95
CA GLU A 323 -3.89 15.45 -9.63
C GLU A 323 -2.98 15.03 -8.46
N TYR A 324 -2.64 13.75 -8.48
CA TYR A 324 -1.82 13.16 -7.42
C TYR A 324 -0.38 13.61 -7.51
N VAL A 325 0.14 13.76 -8.74
CA VAL A 325 1.54 14.19 -8.89
C VAL A 325 1.76 15.56 -8.27
N THR A 326 0.75 16.45 -8.29
CA THR A 326 0.98 17.76 -7.69
C THR A 326 0.84 17.68 -6.21
N ALA A 327 -0.06 16.83 -5.75
CA ALA A 327 -0.20 16.64 -4.32
C ALA A 327 1.18 16.27 -3.75
N ILE A 328 1.94 15.40 -4.44
CA ILE A 328 3.23 14.96 -3.92
C ILE A 328 4.33 16.02 -3.98
N ALA A 329 4.42 16.70 -5.13
CA ALA A 329 5.36 17.80 -5.27
C ALA A 329 5.19 18.77 -4.10
N ASN A 330 3.96 19.22 -3.89
CA ASN A 330 3.66 20.18 -2.84
C ASN A 330 4.07 19.72 -1.44
N LEU A 331 3.75 18.48 -1.09
CA LEU A 331 4.12 17.91 0.20
C LEU A 331 5.64 17.87 0.37
N LYS A 332 6.36 17.59 -0.71
CA LYS A 332 7.82 17.40 -0.68
C LYS A 332 8.67 18.68 -0.62
N LYS A 333 8.04 19.83 -0.86
CA LYS A 333 8.70 21.13 -0.65
C LYS A 333 9.01 21.28 0.85
N CYS A 334 8.21 20.59 1.65
CA CYS A 334 8.32 20.64 3.11
C CYS A 334 9.48 19.90 3.75
N SER A 335 9.72 18.67 3.32
CA SER A 335 10.66 17.81 4.03
C SER A 335 11.95 17.52 3.26
N LEU A 340 12.60 19.67 -7.43
CA LEU A 340 11.50 19.43 -8.35
C LEU A 340 11.89 18.34 -9.36
N GLU A 341 13.20 18.29 -9.68
CA GLU A 341 13.85 17.28 -10.54
C GLU A 341 14.97 16.65 -9.73
N ALA A 342 14.97 15.29 -9.64
CA ALA A 342 15.98 14.73 -8.74
C ALA A 342 16.44 13.24 -8.85
N CYS A 343 15.75 12.38 -8.12
CA CYS A 343 16.02 10.92 -7.93
C CYS A 343 16.86 10.83 -6.64
N ALA A 344 16.17 10.43 -5.55
CA ALA A 344 16.67 10.31 -4.18
C ALA A 344 18.06 9.72 -4.04
N PHE A 345 18.52 9.05 -5.08
CA PHE A 345 19.75 8.26 -4.99
C PHE A 345 20.93 8.67 -5.89
C1 NAG B . 9.56 -21.21 -17.52
C2 NAG B . 8.20 -21.81 -17.27
C3 NAG B . 7.85 -22.86 -18.32
C4 NAG B . 7.97 -22.30 -19.75
C5 NAG B . 8.73 -20.96 -19.87
C6 NAG B . 7.76 -19.78 -20.05
C7 NAG B . 7.16 -22.20 -15.09
C8 NAG B . 6.65 -23.40 -14.36
N2 NAG B . 8.16 -22.42 -15.96
O3 NAG B . 6.53 -23.27 -18.13
O4 NAG B . 8.50 -23.30 -20.63
O5 NAG B . 9.66 -20.63 -18.82
O6 NAG B . 6.99 -19.90 -21.23
O7 NAG B . 6.69 -21.09 -14.85
C1 NAG B . 8.02 -23.10 -21.99
C2 NAG B . 9.17 -23.11 -23.01
C3 NAG B . 8.61 -22.58 -24.32
C4 NAG B . 7.50 -23.51 -24.79
C5 NAG B . 6.43 -23.68 -23.69
C6 NAG B . 5.40 -24.73 -24.09
C7 NAG B . 11.57 -22.49 -22.95
C8 NAG B . 12.21 -21.33 -23.68
N2 NAG B . 10.30 -22.30 -22.57
O3 NAG B . 9.62 -22.50 -25.31
O4 NAG B . 6.92 -23.00 -25.98
O5 NAG B . 7.02 -24.00 -22.42
O6 NAG B . 5.87 -26.02 -23.73
O7 NAG B . 12.22 -23.51 -22.72
C1 NAG C . -2.05 21.51 -1.63
C2 NAG C . -2.83 20.48 -2.43
C3 NAG C . -2.49 20.52 -3.91
C4 NAG C . -2.66 21.91 -4.52
C5 NAG C . -2.04 22.99 -3.62
C6 NAG C . -2.66 24.34 -3.95
C7 NAG C . -3.55 18.34 -1.56
C8 NAG C . -3.19 17.00 -0.98
N2 NAG C . -2.56 19.16 -1.86
O3 NAG C . -3.31 19.61 -4.61
O4 NAG C . -1.95 22.04 -5.76
O5 NAG C . -2.15 22.80 -2.22
O6 NAG C . -3.45 24.22 -5.12
O7 NAG C . -4.73 18.62 -1.75
C1 NDG C . -2.66 22.01 -7.04
C2 NDG C . -2.02 22.99 -8.03
C3 NDG C . -2.98 23.47 -9.10
C4 NDG C . -3.96 22.38 -9.49
C5 NDG C . -4.76 21.93 -8.25
C6 NDG C . -5.26 20.49 -8.34
C7 NDG C . -0.14 24.22 -7.06
C8 NDG C . 0.22 25.26 -6.05
O5 NDG C . -4.07 22.16 -7.02
O3 NDG C . -2.25 23.87 -10.23
O4 NDG C . -4.83 22.87 -10.51
O6 NDG C . -4.43 19.70 -9.18
O7 NDG C . 0.73 23.46 -7.52
N2 NDG C . -1.43 24.15 -7.39
C1 MAN C . -4.46 22.41 -11.85
C2 MAN C . -4.21 23.61 -12.77
C3 MAN C . -4.15 23.22 -14.26
C4 MAN C . -5.38 22.44 -14.67
C5 MAN C . -6.20 22.01 -13.45
C6 MAN C . -7.31 21.02 -13.83
O2 MAN C . -3.00 24.25 -12.43
O3 MAN C . -2.97 22.50 -14.52
O4 MAN C . -6.18 23.26 -15.49
O5 MAN C . -5.36 21.47 -12.43
O6 MAN C . -7.25 20.69 -15.21
C1 BMA C . -8.54 20.88 -15.86
C2 BMA C . -8.34 21.18 -17.34
C3 BMA C . -8.55 19.96 -18.23
C4 BMA C . -9.90 19.28 -17.96
C5 BMA C . -10.47 19.77 -16.64
C6 BMA C . -11.65 18.93 -16.12
O2 BMA C . -7.04 21.68 -17.57
O3 BMA C . -7.49 19.04 -18.06
O4 BMA C . -10.78 19.53 -19.03
O5 BMA C . -9.42 19.79 -15.69
O6 BMA C . -11.89 17.76 -16.89
C1 NAG D . -15.14 -0.81 -0.26
C2 NAG D . -15.99 -0.80 -1.55
C3 NAG D . -16.88 -2.04 -1.61
C4 NAG D . -16.15 -3.36 -1.39
C5 NAG D . -15.26 -3.23 -0.14
C6 NAG D . -14.27 -4.38 -0.03
C7 NAG D . -16.72 1.45 -2.36
C8 NAG D . -17.50 2.63 -1.90
N2 NAG D . -16.86 0.36 -1.60
O3 NAG D . -17.48 -2.05 -2.88
O4 NAG D . -17.07 -4.43 -1.26
O5 NAG D . -14.46 -2.05 -0.20
O6 NAG D . -13.48 -4.34 -1.22
O7 NAG D . -16.01 1.50 -3.36
C1 NAG D . -16.75 -5.61 -2.07
C2 NAG D . -17.17 -6.92 -1.37
C3 NAG D . -17.38 -8.14 -2.28
C4 NAG D . -18.17 -7.75 -3.51
C5 NAG D . -17.28 -6.66 -4.13
C6 NAG D . -17.65 -6.33 -5.56
C7 NAG D . -16.55 -7.55 0.89
C8 NAG D . -15.51 -8.26 1.72
N2 NAG D . -16.20 -7.30 -0.37
O3 NAG D . -18.02 -9.20 -1.60
O4 NAG D . -18.37 -8.82 -4.43
O5 NAG D . -17.34 -5.49 -3.35
O6 NAG D . -17.65 -4.93 -5.67
O7 NAG D . -17.64 -7.24 1.36
C1 MAN D . -19.37 -9.79 -4.06
C2 MAN D . -18.80 -11.17 -4.38
C3 MAN D . -19.30 -11.64 -5.74
C4 MAN D . -20.82 -11.84 -5.71
C5 MAN D . -21.51 -10.69 -4.96
C6 MAN D . -22.18 -11.17 -3.66
O2 MAN D . -19.15 -12.10 -3.35
O3 MAN D . -18.64 -12.81 -6.18
O4 MAN D . -21.27 -12.11 -7.04
O5 MAN D . -20.62 -9.58 -4.73
O6 MAN D . -22.63 -12.52 -3.74
C1 BMA D . -22.12 -11.23 -7.81
C2 BMA D . -21.68 -9.77 -7.87
C3 BMA D . -22.49 -8.93 -8.89
C4 BMA D . -23.27 -9.70 -9.96
C5 BMA D . -23.04 -11.22 -10.05
C6 BMA D . -22.57 -11.62 -11.45
O2 BMA D . -20.30 -9.66 -8.14
O3 BMA D . -21.65 -8.00 -9.55
O4 BMA D . -24.65 -9.41 -9.80
O5 BMA D . -22.10 -11.73 -9.12
O6 BMA D . -21.25 -12.13 -11.40
C1 BMA D . -25.23 -9.04 -11.08
C2 BMA D . -26.45 -9.93 -11.39
C3 BMA D . -27.79 -9.17 -11.36
C4 BMA D . -27.75 -7.87 -12.16
C5 BMA D . -26.31 -7.37 -12.34
C6 BMA D . -26.30 -5.88 -12.64
O2 BMA D . -26.49 -11.05 -10.53
O3 BMA D . -28.17 -8.91 -10.02
O4 BMA D . -28.37 -8.05 -13.43
O5 BMA D . -25.56 -7.67 -11.19
O6 BMA D . -26.29 -5.13 -11.44
S SO4 E . -21.62 9.08 14.97
O1 SO4 E . -20.74 9.03 13.80
O2 SO4 E . -22.20 10.42 15.06
O3 SO4 E . -22.67 8.07 14.82
O4 SO4 E . -20.81 8.80 16.14
ZN ZN F . 1.49 8.99 -22.88
ZN ZN G . -13.95 11.73 -4.74
FE FE H . -1.50 2.14 -1.31
C CO3 I . -1.04 3.33 1.08
O1 CO3 I . -0.37 2.31 0.74
O2 CO3 I . -1.86 3.80 0.20
O3 CO3 I . -0.90 3.86 2.26
O5' ADN J . -4.59 7.84 -14.54
C5' ADN J . -4.39 7.30 -13.22
C4' ADN J . -5.15 8.15 -12.21
O4' ADN J . -6.57 8.06 -12.40
C3' ADN J . -4.92 7.71 -10.77
O3' ADN J . -4.10 8.68 -10.12
C2' ADN J . -6.28 7.68 -10.09
O2' ADN J . -6.25 8.49 -8.91
C1' ADN J . -7.20 8.31 -11.14
N9 ADN J . -8.58 7.76 -11.11
C8 ADN J . -8.95 6.48 -11.34
N7 ADN J . -10.29 6.33 -11.28
C5 ADN J . -10.78 7.51 -10.89
C6 ADN J . -12.19 7.97 -10.75
N6 ADN J . -13.23 7.12 -10.81
N1 ADN J . -12.34 9.27 -10.44
C2 ADN J . -11.29 10.11 -10.37
N3 ADN J . -10.00 9.75 -10.56
C4 ADN J . -9.69 8.48 -10.88
#